data_8Q6Q
#
_entry.id   8Q6Q
#
_cell.length_a   56.100
_cell.length_b   64.365
_cell.length_c   64.467
_cell.angle_alpha   60.56
_cell.angle_beta   80.88
_cell.angle_gamma   84.77
#
_symmetry.space_group_name_H-M   'P 1'
#
loop_
_entity.id
_entity.type
_entity.pdbx_description
1 polymer 'Gamma-aminobutyric acid receptor-associated protein-like 2'
2 polymer 'Immunity-related GTPase family Q protein'
3 non-polymer 'CITRIC ACID'
4 water water
#
loop_
_entity_poly.entity_id
_entity_poly.type
_entity_poly.pdbx_seq_one_letter_code
_entity_poly.pdbx_strand_id
1 'polypeptide(L)'
;MKWMFKEDHSLEHRCVESAKIRAKYPDRVPVIVEKVSGSQIVDIDKRKYLVPSDITVAQFMWIIRKRIQLPSEKAIFLFV
DKTVPQSSLTMGQLYEKEKDEDGFLYVAYSGENTFGF
;
A,B
2 'polypeptide(L)'
;MPPPQGDVTALFLGPPGLGKSALIAALCDKDVETLEAPEGRPDSGVPSLRAAGPGLFLGELSCPPAAPGPWAAEANVLVL
VLPGPEGNGEPLAPALGEAALAALARGTPLLAVRNLRPGDSQTAAQARDQTAALLNSAGLGAADLFVLPANCGSSDGCEE
LERLRAALQSQAEALRRLLPPAQDGFEVLGAA
;
C,D
#
# COMPACT_ATOMS: atom_id res chain seq x y z
N MET A 1 9.91 9.80 6.69
CA MET A 1 9.03 10.91 6.95
C MET A 1 8.03 10.30 7.92
N LYS A 2 8.20 10.55 9.22
CA LYS A 2 7.21 10.10 10.17
C LYS A 2 5.99 11.01 10.08
N TRP A 3 4.80 10.41 10.12
CA TRP A 3 3.55 11.13 10.03
C TRP A 3 2.86 11.03 11.38
N MET A 4 2.69 12.18 12.05
CA MET A 4 2.05 12.17 13.36
C MET A 4 0.67 11.49 13.33
N PHE A 5 -0.16 11.85 12.34
CA PHE A 5 -1.45 11.20 12.15
C PHE A 5 -1.41 9.68 12.26
N LYS A 6 -0.43 9.06 11.59
CA LYS A 6 -0.32 7.59 11.59
C LYS A 6 0.16 7.11 12.95
N GLU A 7 1.12 7.83 13.53
CA GLU A 7 1.56 7.50 14.87
C GLU A 7 0.38 7.57 15.86
N ASP A 8 -0.54 8.51 15.65
CA ASP A 8 -1.60 8.73 16.63
C ASP A 8 -2.78 7.77 16.51
N HIS A 9 -2.84 6.94 15.45
CA HIS A 9 -3.99 6.08 15.18
C HIS A 9 -3.62 4.77 14.55
N SER A 10 -4.33 3.72 14.94
CA SER A 10 -4.15 2.45 14.28
C SER A 10 -4.54 2.52 12.81
N LEU A 11 -3.95 1.62 12.04
CA LEU A 11 -4.33 1.48 10.65
C LEU A 11 -5.82 1.29 10.52
N GLU A 12 -6.40 0.42 11.39
CA GLU A 12 -7.83 0.18 11.30
C GLU A 12 -8.61 1.44 11.60
N HIS A 13 -8.22 2.17 12.64
CA HIS A 13 -8.89 3.43 12.93
C HIS A 13 -8.88 4.34 11.71
N ARG A 14 -7.71 4.43 11.04
CA ARG A 14 -7.62 5.35 9.91
C ARG A 14 -8.48 4.88 8.75
N CYS A 15 -8.49 3.57 8.48
CA CYS A 15 -9.35 3.03 7.42
C CYS A 15 -10.82 3.37 7.64
N VAL A 16 -11.35 3.11 8.85
CA VAL A 16 -12.77 3.36 9.10
C VAL A 16 -13.04 4.87 8.99
N GLU A 17 -12.11 5.68 9.48
CA GLU A 17 -12.27 7.14 9.40
C GLU A 17 -12.41 7.61 7.96
N SER A 18 -11.49 7.21 7.09
CA SER A 18 -11.55 7.69 5.71
C SER A 18 -12.75 7.10 4.99
N ALA A 19 -13.04 5.82 5.28
CA ALA A 19 -14.17 5.18 4.66
C ALA A 19 -15.47 5.90 5.01
N LYS A 20 -15.63 6.28 6.30
CA LYS A 20 -16.83 6.98 6.70
C LYS A 20 -16.92 8.32 6.00
N ILE A 21 -15.81 9.07 5.98
CA ILE A 21 -15.86 10.40 5.37
C ILE A 21 -16.00 10.31 3.84
N ARG A 22 -15.46 9.27 3.21
CA ARG A 22 -15.65 9.07 1.77
C ARG A 22 -17.10 8.70 1.45
N ALA A 23 -17.72 7.85 2.27
CA ALA A 23 -19.10 7.50 2.02
C ALA A 23 -19.99 8.70 2.23
N LYS A 24 -19.69 9.49 3.24
CA LYS A 24 -20.55 10.62 3.60
C LYS A 24 -20.33 11.83 2.69
N TYR A 25 -19.11 12.09 2.23
CA TYR A 25 -18.80 13.23 1.35
C TYR A 25 -18.15 12.70 0.08
N PRO A 26 -18.91 12.17 -0.87
CA PRO A 26 -18.29 11.47 -2.00
C PRO A 26 -17.59 12.41 -2.98
N ASP A 27 -17.87 13.71 -2.93
CA ASP A 27 -17.23 14.71 -3.79
C ASP A 27 -16.05 15.42 -3.12
N ARG A 28 -15.53 14.88 -2.03
N ARG A 28 -15.57 14.91 -1.99
CA ARG A 28 -14.43 15.48 -1.31
CA ARG A 28 -14.42 15.49 -1.32
C ARG A 28 -13.44 14.39 -0.98
C ARG A 28 -13.44 14.39 -0.99
N VAL A 29 -12.19 14.79 -0.74
CA VAL A 29 -11.15 13.84 -0.41
C VAL A 29 -10.51 14.22 0.92
N PRO A 30 -10.22 13.23 1.76
CA PRO A 30 -9.59 13.50 3.06
C PRO A 30 -8.07 13.57 2.90
N VAL A 31 -7.44 14.62 3.44
CA VAL A 31 -6.02 14.87 3.23
C VAL A 31 -5.34 15.20 4.55
N ILE A 32 -4.19 14.60 4.77
CA ILE A 32 -3.33 14.94 5.89
C ILE A 32 -2.18 15.78 5.35
N VAL A 33 -1.92 16.92 5.99
CA VAL A 33 -0.84 17.82 5.64
C VAL A 33 0.14 17.90 6.80
N GLU A 34 1.42 17.70 6.49
CA GLU A 34 2.48 17.78 7.47
C GLU A 34 3.64 18.51 6.85
N LYS A 35 4.26 19.41 7.61
CA LYS A 35 5.48 20.01 7.04
C LYS A 35 6.62 18.98 7.05
N VAL A 36 7.58 19.15 6.13
CA VAL A 36 8.70 18.21 6.05
C VAL A 36 9.51 18.29 7.32
N SER A 37 9.66 17.14 8.00
CA SER A 37 10.53 17.03 9.16
C SER A 37 11.86 17.69 8.88
N GLY A 38 12.32 18.52 9.81
CA GLY A 38 13.60 19.17 9.68
C GLY A 38 13.60 20.42 8.81
N SER A 39 12.53 20.71 8.07
CA SER A 39 12.57 21.88 7.19
C SER A 39 12.39 23.18 7.96
N GLN A 40 12.76 24.28 7.32
CA GLN A 40 12.79 25.59 7.94
C GLN A 40 11.45 26.33 7.85
N ILE A 41 10.51 25.86 7.03
CA ILE A 41 9.29 26.62 6.78
C ILE A 41 8.40 26.60 8.03
N VAL A 42 7.64 27.67 8.24
CA VAL A 42 6.72 27.67 9.38
C VAL A 42 5.77 26.47 9.32
N ASP A 43 5.36 26.00 10.48
CA ASP A 43 4.45 24.89 10.61
C ASP A 43 3.01 25.34 10.35
N ILE A 44 2.10 24.38 10.24
CA ILE A 44 0.70 24.66 9.94
C ILE A 44 -0.15 24.20 11.12
N ASP A 45 -1.18 24.97 11.46
CA ASP A 45 -1.93 24.68 12.68
C ASP A 45 -2.76 23.41 12.57
N LYS A 46 -3.48 23.23 11.46
CA LYS A 46 -4.36 22.08 11.32
C LYS A 46 -3.79 21.12 10.27
N ARG A 47 -3.84 19.81 10.56
CA ARG A 47 -3.27 18.79 9.69
C ARG A 47 -4.32 18.10 8.82
N LYS A 48 -5.62 18.15 9.15
CA LYS A 48 -6.57 17.21 8.57
C LYS A 48 -7.62 18.01 7.82
N TYR A 49 -7.77 17.71 6.55
CA TYR A 49 -8.58 18.53 5.64
C TYR A 49 -9.55 17.66 4.87
N LEU A 50 -10.70 18.24 4.56
CA LEU A 50 -11.67 17.64 3.65
C LEU A 50 -11.75 18.57 2.45
N VAL A 51 -11.18 18.15 1.33
CA VAL A 51 -10.88 19.04 0.21
C VAL A 51 -11.80 18.70 -0.95
N PRO A 52 -12.46 19.68 -1.56
CA PRO A 52 -13.31 19.42 -2.74
C PRO A 52 -12.49 18.77 -3.84
N SER A 53 -13.03 17.70 -4.43
CA SER A 53 -12.26 16.89 -5.34
C SER A 53 -11.89 17.66 -6.58
N ASP A 54 -12.67 18.68 -6.92
CA ASP A 54 -12.47 19.39 -8.16
C ASP A 54 -11.45 20.51 -8.06
N ILE A 55 -10.84 20.79 -6.91
CA ILE A 55 -9.87 21.87 -6.96
C ILE A 55 -8.50 21.29 -7.35
N THR A 56 -7.66 22.12 -7.99
CA THR A 56 -6.41 21.57 -8.48
C THR A 56 -5.37 21.48 -7.36
N VAL A 57 -4.31 20.72 -7.64
CA VAL A 57 -3.18 20.65 -6.72
C VAL A 57 -2.57 22.03 -6.54
N ALA A 58 -2.44 22.77 -7.66
CA ALA A 58 -1.98 24.14 -7.60
C ALA A 58 -2.85 24.97 -6.68
N GLN A 59 -4.18 24.80 -6.74
CA GLN A 59 -5.03 25.59 -5.86
C GLN A 59 -4.88 25.17 -4.41
N PHE A 60 -4.69 23.86 -4.17
CA PHE A 60 -4.49 23.41 -2.79
C PHE A 60 -3.19 23.99 -2.24
N MET A 61 -2.15 24.08 -3.09
CA MET A 61 -0.91 24.65 -2.61
C MET A 61 -1.15 26.11 -2.18
N TRP A 62 -2.03 26.81 -2.89
CA TRP A 62 -2.32 28.18 -2.49
C TRP A 62 -3.11 28.23 -1.19
N ILE A 63 -3.99 27.24 -0.94
CA ILE A 63 -4.72 27.20 0.33
C ILE A 63 -3.74 27.02 1.48
N ILE A 64 -2.75 26.15 1.29
CA ILE A 64 -1.75 25.90 2.33
C ILE A 64 -0.91 27.15 2.58
N ARG A 65 -0.37 27.74 1.50
CA ARG A 65 0.31 29.03 1.59
C ARG A 65 -0.48 30.04 2.42
N LYS A 66 -1.77 30.20 2.12
CA LYS A 66 -2.60 31.10 2.94
C LYS A 66 -2.70 30.64 4.40
N ARG A 67 -2.86 29.34 4.65
CA ARG A 67 -3.00 28.90 6.03
C ARG A 67 -1.75 29.18 6.85
N ILE A 68 -0.55 29.15 6.24
CA ILE A 68 0.67 29.42 7.01
C ILE A 68 1.16 30.84 6.80
N GLN A 69 0.40 31.65 6.05
CA GLN A 69 0.74 33.06 5.78
C GLN A 69 2.12 33.23 5.14
N LEU A 70 2.56 32.24 4.36
CA LEU A 70 3.86 32.31 3.71
C LEU A 70 3.94 33.54 2.81
N PRO A 71 4.85 34.48 3.06
CA PRO A 71 4.99 35.63 2.16
C PRO A 71 5.18 35.21 0.71
N SER A 72 4.63 36.00 -0.21
CA SER A 72 4.54 35.57 -1.60
C SER A 72 5.91 35.37 -2.23
N GLU A 73 6.94 36.05 -1.73
CA GLU A 73 8.27 35.96 -2.30
C GLU A 73 9.04 34.72 -1.81
N LYS A 74 8.42 33.85 -1.01
CA LYS A 74 9.01 32.58 -0.63
C LYS A 74 8.29 31.46 -1.37
N ALA A 75 9.06 30.45 -1.79
CA ALA A 75 8.52 29.28 -2.47
C ALA A 75 8.00 28.24 -1.49
N ILE A 76 7.02 27.47 -1.96
CA ILE A 76 6.48 26.32 -1.27
C ILE A 76 6.44 25.17 -2.26
N PHE A 77 6.63 23.96 -1.72
CA PHE A 77 6.57 22.71 -2.48
C PHE A 77 5.68 21.74 -1.71
N LEU A 78 4.91 20.94 -2.46
CA LEU A 78 4.17 19.80 -1.91
C LEU A 78 4.87 18.53 -2.40
N PHE A 79 4.74 17.46 -1.62
CA PHE A 79 5.33 16.16 -1.97
C PHE A 79 4.32 15.08 -1.62
N VAL A 80 4.08 14.15 -2.54
CA VAL A 80 3.13 13.06 -2.28
C VAL A 80 3.82 11.81 -2.75
N ASP A 81 3.83 10.77 -1.93
N ASP A 81 3.88 10.78 -1.91
CA ASP A 81 4.59 9.56 -2.22
CA ASP A 81 4.56 9.54 -2.26
C ASP A 81 5.93 9.91 -2.87
C ASP A 81 5.95 9.84 -2.83
N LYS A 82 6.71 10.68 -2.13
CA LYS A 82 8.14 10.93 -2.38
C LYS A 82 8.40 11.79 -3.60
N THR A 83 7.38 12.32 -4.27
CA THR A 83 7.60 13.06 -5.50
C THR A 83 6.75 14.32 -5.52
N VAL A 84 7.04 15.21 -6.48
CA VAL A 84 6.28 16.46 -6.61
C VAL A 84 5.05 16.12 -7.44
N PRO A 85 3.84 16.30 -6.92
CA PRO A 85 2.63 16.03 -7.71
C PRO A 85 2.41 17.05 -8.81
N GLN A 86 1.81 16.59 -9.90
CA GLN A 86 1.47 17.44 -11.04
C GLN A 86 0.49 18.54 -10.60
N SER A 87 0.89 19.81 -10.71
CA SER A 87 0.08 20.92 -10.17
C SER A 87 -1.29 21.06 -10.81
N SER A 88 -1.44 20.60 -12.06
CA SER A 88 -2.71 20.75 -12.79
C SER A 88 -3.68 19.60 -12.60
N LEU A 89 -3.27 18.53 -11.90
CA LEU A 89 -4.24 17.52 -11.45
C LEU A 89 -5.27 18.13 -10.51
N THR A 90 -6.48 17.57 -10.52
CA THR A 90 -7.38 17.91 -9.43
C THR A 90 -7.03 17.05 -8.20
N MET A 91 -7.47 17.53 -7.04
CA MET A 91 -7.23 16.78 -5.82
C MET A 91 -7.92 15.43 -5.86
N GLY A 92 -9.10 15.35 -6.52
CA GLY A 92 -9.72 14.04 -6.69
C GLY A 92 -8.85 13.11 -7.50
N GLN A 93 -8.23 13.62 -8.56
CA GLN A 93 -7.38 12.77 -9.39
C GLN A 93 -6.12 12.34 -8.63
N LEU A 94 -5.49 13.30 -7.95
CA LEU A 94 -4.35 12.99 -7.11
C LEU A 94 -4.70 11.97 -6.03
N TYR A 95 -5.90 12.09 -5.45
CA TYR A 95 -6.33 11.13 -4.42
C TYR A 95 -6.39 9.73 -5.00
N GLU A 96 -7.06 9.58 -6.14
CA GLU A 96 -7.22 8.26 -6.73
C GLU A 96 -5.88 7.67 -7.12
N LYS A 97 -4.93 8.51 -7.54
CA LYS A 97 -3.63 8.00 -7.97
C LYS A 97 -2.71 7.66 -6.79
N GLU A 98 -2.71 8.46 -5.71
CA GLU A 98 -1.71 8.40 -4.64
C GLU A 98 -2.24 8.18 -3.22
N LYS A 99 -3.54 8.01 -3.03
CA LYS A 99 -4.08 7.70 -1.70
C LYS A 99 -3.31 6.58 -1.00
N ASP A 100 -3.14 6.74 0.32
CA ASP A 100 -2.59 5.69 1.18
C ASP A 100 -3.52 4.47 1.23
N GLU A 101 -2.95 3.33 1.63
CA GLU A 101 -3.84 2.19 1.84
C GLU A 101 -4.89 2.50 2.89
N ASP A 102 -4.61 3.46 3.78
CA ASP A 102 -5.60 3.81 4.82
C ASP A 102 -6.69 4.75 4.32
N GLY A 103 -6.68 5.12 3.04
CA GLY A 103 -7.76 5.92 2.50
C GLY A 103 -7.58 7.40 2.61
N PHE A 104 -6.52 7.86 3.27
CA PHE A 104 -6.12 9.26 3.33
C PHE A 104 -5.08 9.54 2.25
N LEU A 105 -5.08 10.79 1.77
CA LEU A 105 -4.00 11.29 0.91
C LEU A 105 -3.07 12.09 1.81
N TYR A 106 -1.77 11.77 1.80
CA TYR A 106 -0.77 12.40 2.67
C TYR A 106 0.07 13.37 1.86
N VAL A 107 -0.01 14.66 2.21
CA VAL A 107 0.69 15.72 1.50
C VAL A 107 1.73 16.32 2.45
N ALA A 108 3.00 16.28 2.06
CA ALA A 108 3.99 16.99 2.85
C ALA A 108 4.30 18.32 2.16
N TYR A 109 4.68 19.33 2.92
CA TYR A 109 5.11 20.57 2.26
C TYR A 109 6.39 21.10 2.87
N SER A 110 7.14 21.89 2.07
CA SER A 110 8.28 22.59 2.60
C SER A 110 8.52 23.86 1.80
N GLY A 111 9.47 24.63 2.29
CA GLY A 111 10.03 25.74 1.53
C GLY A 111 11.21 25.25 0.73
N GLU A 112 12.10 26.16 0.38
CA GLU A 112 13.30 25.78 -0.34
C GLU A 112 14.30 25.12 0.62
N ASN A 113 13.92 23.97 1.11
CA ASN A 113 14.64 23.36 2.23
C ASN A 113 16.08 23.02 1.84
N THR A 114 17.05 23.65 2.53
CA THR A 114 18.45 23.35 2.28
C THR A 114 18.72 21.86 2.36
N PHE A 115 18.00 21.13 3.21
CA PHE A 115 18.29 19.73 3.43
C PHE A 115 17.52 18.81 2.52
N GLY A 116 16.84 19.34 1.49
CA GLY A 116 16.24 18.47 0.50
C GLY A 116 14.91 17.87 0.96
N PHE A 117 14.68 16.57 0.74
CA PHE A 117 13.43 15.95 1.08
C PHE A 117 13.64 14.44 0.97
N GLN B 5 -25.86 13.60 16.24
CA GLN B 5 -25.15 14.07 15.04
C GLN B 5 -23.99 13.17 14.66
N GLY B 6 -23.75 12.10 15.43
CA GLY B 6 -22.65 11.22 15.10
C GLY B 6 -23.03 10.14 14.09
N ASP B 7 -22.03 9.55 13.44
CA ASP B 7 -22.28 8.46 12.53
C ASP B 7 -21.82 7.13 13.14
N VAL B 8 -22.64 6.10 12.99
CA VAL B 8 -22.41 4.81 13.59
C VAL B 8 -21.89 3.85 12.55
N THR B 9 -20.86 3.06 12.90
CA THR B 9 -20.29 2.02 12.04
C THR B 9 -20.56 0.66 12.66
N ALA B 10 -21.26 -0.20 11.92
CA ALA B 10 -21.41 -1.61 12.29
C ALA B 10 -20.48 -2.40 11.37
N LEU B 11 -19.61 -3.23 11.98
CA LEU B 11 -18.70 -4.03 11.19
C LEU B 11 -19.12 -5.48 11.32
N PHE B 12 -19.20 -6.18 10.18
CA PHE B 12 -19.52 -7.59 10.09
C PHE B 12 -18.22 -8.34 9.93
N LEU B 13 -17.88 -9.16 10.91
CA LEU B 13 -16.60 -9.84 10.95
C LEU B 13 -16.87 -11.33 10.99
N GLY B 14 -16.12 -12.12 10.21
CA GLY B 14 -16.28 -13.56 10.25
C GLY B 14 -15.57 -14.18 9.06
N PRO B 15 -15.64 -15.51 8.94
CA PRO B 15 -14.78 -16.19 7.95
C PRO B 15 -15.11 -15.74 6.54
N PRO B 16 -14.15 -15.85 5.64
CA PRO B 16 -14.42 -15.62 4.22
C PRO B 16 -15.39 -16.62 3.62
N GLY B 17 -16.17 -16.14 2.66
CA GLY B 17 -16.99 -17.01 1.88
C GLY B 17 -18.37 -17.20 2.44
N LEU B 18 -18.74 -16.42 3.45
CA LEU B 18 -20.03 -16.53 4.10
C LEU B 18 -21.02 -15.54 3.54
N GLY B 19 -20.62 -14.74 2.56
CA GLY B 19 -21.56 -13.86 1.91
C GLY B 19 -21.82 -12.58 2.66
N LYS B 20 -20.81 -12.07 3.34
CA LYS B 20 -20.99 -10.87 4.16
C LYS B 20 -21.33 -9.63 3.31
N SER B 21 -20.65 -9.47 2.17
CA SER B 21 -20.96 -8.35 1.26
C SER B 21 -22.38 -8.41 0.76
N ALA B 22 -22.85 -9.61 0.40
CA ALA B 22 -24.21 -9.69 -0.13
C ALA B 22 -25.23 -9.48 0.97
N LEU B 23 -24.89 -9.90 2.20
CA LEU B 23 -25.73 -9.62 3.37
C LEU B 23 -25.87 -8.12 3.56
N ILE B 24 -24.74 -7.39 3.48
CA ILE B 24 -24.79 -5.93 3.63
C ILE B 24 -25.60 -5.28 2.53
N ALA B 25 -25.45 -5.76 1.30
CA ALA B 25 -26.25 -5.21 0.21
C ALA B 25 -27.73 -5.49 0.43
N ALA B 26 -28.06 -6.72 0.84
CA ALA B 26 -29.45 -7.04 1.11
C ALA B 26 -30.02 -6.15 2.20
N LEU B 27 -29.22 -5.86 3.22
CA LEU B 27 -29.65 -4.99 4.31
C LEU B 27 -29.88 -3.58 3.83
N CYS B 28 -29.10 -3.13 2.85
CA CYS B 28 -29.18 -1.76 2.39
C CYS B 28 -30.11 -1.60 1.19
N ASP B 29 -30.63 -2.70 0.62
CA ASP B 29 -31.34 -2.58 -0.65
C ASP B 29 -32.61 -1.76 -0.51
N LYS B 30 -33.24 -1.78 0.67
CA LYS B 30 -34.49 -1.05 0.89
C LYS B 30 -34.26 0.29 1.58
N ASP B 31 -33.16 0.97 1.30
CA ASP B 31 -32.88 2.23 1.98
C ASP B 31 -32.84 3.38 0.98
N VAL B 32 -33.16 4.56 1.51
CA VAL B 32 -33.30 5.81 0.75
C VAL B 32 -31.98 6.25 0.11
N GLU B 33 -30.84 5.91 0.72
CA GLU B 33 -29.54 6.24 0.14
C GLU B 33 -29.28 5.48 -1.17
N THR B 34 -29.79 4.25 -1.29
CA THR B 34 -29.72 3.46 -2.52
C THR B 34 -30.51 4.11 -3.66
N LEU B 35 -31.05 5.29 -3.43
CA LEU B 35 -31.72 6.04 -4.48
C LEU B 35 -30.90 7.27 -4.84
N PRO B 47 -11.69 -1.00 3.55
CA PRO B 47 -13.08 -1.34 3.89
C PRO B 47 -14.10 -0.38 3.26
N SER B 48 -15.06 -0.89 2.50
CA SER B 48 -16.08 -0.05 1.89
C SER B 48 -17.33 -0.03 2.77
N LEU B 49 -17.77 1.16 3.12
CA LEU B 49 -18.91 1.32 4.02
C LEU B 49 -20.13 1.66 3.19
N ARG B 50 -21.27 1.05 3.53
CA ARG B 50 -22.51 1.34 2.82
C ARG B 50 -23.53 1.89 3.81
N ALA B 51 -24.25 2.93 3.38
CA ALA B 51 -25.19 3.59 4.28
C ALA B 51 -26.42 2.72 4.43
N ALA B 52 -26.88 2.55 5.66
CA ALA B 52 -28.07 1.73 5.84
C ALA B 52 -29.12 2.58 6.55
N GLY B 53 -29.38 3.76 6.03
CA GLY B 53 -30.25 4.68 6.74
C GLY B 53 -29.40 5.73 7.42
N PRO B 54 -29.99 6.89 7.70
CA PRO B 54 -29.22 7.99 8.27
C PRO B 54 -28.44 7.58 9.52
N GLY B 55 -27.15 7.93 9.53
CA GLY B 55 -26.32 7.83 10.68
C GLY B 55 -25.66 6.48 10.87
N LEU B 56 -25.84 5.55 9.92
CA LEU B 56 -25.42 4.15 10.09
C LEU B 56 -24.74 3.68 8.81
N PHE B 57 -23.49 3.22 8.96
CA PHE B 57 -22.73 2.68 7.83
C PHE B 57 -22.42 1.23 8.18
N LEU B 58 -22.46 0.34 7.20
CA LEU B 58 -22.14 -1.07 7.41
C LEU B 58 -20.90 -1.41 6.58
N GLY B 59 -19.94 -2.14 7.21
CA GLY B 59 -18.77 -2.64 6.53
C GLY B 59 -18.51 -4.09 6.92
N GLU B 60 -17.67 -4.77 6.14
CA GLU B 60 -17.36 -6.18 6.45
C GLU B 60 -15.88 -6.45 6.24
N LEU B 61 -15.34 -7.38 7.06
CA LEU B 61 -13.94 -7.82 6.96
C LEU B 61 -13.88 -9.30 7.17
N SER B 62 -13.15 -10.02 6.30
CA SER B 62 -13.01 -11.46 6.47
C SER B 62 -11.90 -11.74 7.46
N CYS B 63 -12.23 -12.53 8.49
CA CYS B 63 -11.34 -12.89 9.58
C CYS B 63 -11.51 -14.41 9.71
N PRO B 64 -10.52 -15.21 9.38
CA PRO B 64 -9.21 -14.87 8.75
C PRO B 64 -9.38 -14.27 7.34
N PRO B 65 -8.34 -13.58 6.83
CA PRO B 65 -7.04 -13.40 7.43
C PRO B 65 -6.89 -12.17 8.29
N ALA B 66 -7.79 -11.18 8.27
CA ALA B 66 -7.59 -10.01 9.10
C ALA B 66 -7.72 -10.39 10.58
N ALA B 67 -6.85 -9.80 11.39
CA ALA B 67 -6.95 -9.95 12.85
C ALA B 67 -8.21 -9.23 13.29
N PRO B 68 -9.15 -9.91 13.96
CA PRO B 68 -10.42 -9.24 14.24
C PRO B 68 -10.32 -8.14 15.30
N GLY B 69 -9.42 -8.29 16.26
CA GLY B 69 -9.34 -7.39 17.40
C GLY B 69 -9.29 -5.92 17.03
N PRO B 70 -8.32 -5.54 16.20
CA PRO B 70 -8.16 -4.12 15.88
C PRO B 70 -9.31 -3.56 15.06
N TRP B 71 -10.00 -4.40 14.31
CA TRP B 71 -11.17 -3.92 13.57
C TRP B 71 -12.36 -3.80 14.49
N ALA B 72 -12.59 -4.82 15.29
CA ALA B 72 -13.72 -4.79 16.21
C ALA B 72 -13.61 -3.61 17.17
N ALA B 73 -12.39 -3.18 17.50
CA ALA B 73 -12.18 -2.03 18.34
C ALA B 73 -12.76 -0.75 17.73
N GLU B 74 -12.95 -0.73 16.40
CA GLU B 74 -13.52 0.40 15.68
C GLU B 74 -15.01 0.26 15.44
N ALA B 75 -15.60 -0.88 15.79
CA ALA B 75 -17.00 -1.14 15.50
C ALA B 75 -17.84 -0.52 16.60
N ASN B 76 -18.77 0.41 16.26
CA ASN B 76 -19.74 0.86 17.24
C ASN B 76 -20.80 -0.18 17.47
N VAL B 77 -21.07 -1.01 16.48
CA VAL B 77 -21.89 -2.22 16.65
C VAL B 77 -21.07 -3.32 16.02
N LEU B 78 -20.99 -4.49 16.66
CA LEU B 78 -20.22 -5.63 16.18
C LEU B 78 -21.14 -6.75 15.78
N VAL B 79 -21.06 -7.17 14.52
CA VAL B 79 -21.88 -8.27 14.03
C VAL B 79 -20.93 -9.41 13.68
N LEU B 80 -21.10 -10.55 14.36
CA LEU B 80 -20.35 -11.77 14.03
C LEU B 80 -21.14 -12.51 12.96
N VAL B 81 -20.44 -12.96 11.93
CA VAL B 81 -21.05 -13.79 10.90
C VAL B 81 -20.40 -15.16 11.03
N LEU B 82 -21.22 -16.15 11.29
CA LEU B 82 -20.69 -17.44 11.66
C LEU B 82 -21.18 -18.54 10.72
N PRO B 83 -20.35 -19.54 10.48
CA PRO B 83 -20.75 -20.68 9.66
C PRO B 83 -21.42 -21.69 10.58
N GLY B 84 -21.97 -22.74 9.97
CA GLY B 84 -22.53 -23.83 10.71
C GLY B 84 -21.47 -24.84 11.12
N PRO B 85 -21.91 -25.94 11.72
CA PRO B 85 -20.93 -26.91 12.22
C PRO B 85 -20.25 -27.67 11.09
N GLU B 86 -20.90 -27.78 9.93
CA GLU B 86 -20.34 -28.52 8.80
C GLU B 86 -18.98 -27.99 8.37
N GLY B 87 -18.71 -26.72 8.63
CA GLY B 87 -17.52 -26.09 8.09
C GLY B 87 -16.22 -26.66 8.63
N ASN B 88 -15.17 -26.36 7.86
CA ASN B 88 -13.82 -26.72 8.26
C ASN B 88 -13.46 -25.95 9.52
N GLY B 89 -12.95 -26.66 10.53
CA GLY B 89 -12.79 -26.03 11.81
C GLY B 89 -14.10 -25.94 12.55
N GLU B 90 -14.26 -24.82 13.25
CA GLU B 90 -15.25 -24.52 14.29
C GLU B 90 -15.74 -23.10 14.06
N PRO B 91 -16.96 -22.79 14.43
CA PRO B 91 -17.58 -21.58 13.90
C PRO B 91 -17.06 -20.29 14.52
N LEU B 92 -16.57 -20.33 15.77
CA LEU B 92 -16.13 -19.12 16.44
C LEU B 92 -14.63 -19.27 16.73
N ALA B 93 -13.80 -18.66 15.88
CA ALA B 93 -12.35 -18.79 16.02
C ALA B 93 -11.93 -18.09 17.33
N PRO B 94 -10.91 -18.57 17.99
CA PRO B 94 -10.45 -17.89 19.20
C PRO B 94 -10.31 -16.37 19.10
N ALA B 95 -9.59 -15.84 18.10
CA ALA B 95 -9.40 -14.39 18.07
C ALA B 95 -10.74 -13.67 17.90
N LEU B 96 -11.66 -14.24 17.13
CA LEU B 96 -12.94 -13.58 16.95
C LEU B 96 -13.78 -13.64 18.24
N GLY B 97 -13.75 -14.77 18.95
CA GLY B 97 -14.40 -14.82 20.27
C GLY B 97 -13.84 -13.81 21.24
N GLU B 98 -12.52 -13.66 21.26
CA GLU B 98 -11.92 -12.70 22.17
C GLU B 98 -12.30 -11.27 21.78
N ALA B 99 -12.35 -10.98 20.49
CA ALA B 99 -12.76 -9.63 20.07
C ALA B 99 -14.21 -9.34 20.47
N ALA B 100 -15.08 -10.34 20.35
CA ALA B 100 -16.47 -10.18 20.76
C ALA B 100 -16.59 -9.99 22.28
N LEU B 101 -15.83 -10.74 23.06
CA LEU B 101 -15.81 -10.50 24.50
C LEU B 101 -15.33 -9.08 24.81
N ALA B 102 -14.32 -8.58 24.09
CA ALA B 102 -13.86 -7.21 24.35
C ALA B 102 -14.93 -6.18 24.00
N ALA B 103 -15.65 -6.38 22.91
CA ALA B 103 -16.76 -5.47 22.59
C ALA B 103 -17.79 -5.45 23.71
N LEU B 104 -18.19 -6.67 24.16
CA LEU B 104 -19.19 -6.75 25.21
C LEU B 104 -18.71 -6.03 26.47
N ALA B 105 -17.44 -6.26 26.85
CA ALA B 105 -16.88 -5.62 28.03
C ALA B 105 -16.98 -4.10 27.97
N ARG B 106 -16.83 -3.53 26.79
CA ARG B 106 -16.90 -2.09 26.72
C ARG B 106 -18.31 -1.60 26.40
N GLY B 107 -19.29 -2.50 26.36
CA GLY B 107 -20.64 -2.04 26.12
C GLY B 107 -21.00 -1.84 24.66
N THR B 108 -20.21 -2.34 23.72
CA THR B 108 -20.57 -2.30 22.30
C THR B 108 -21.66 -3.34 22.05
N PRO B 109 -22.77 -2.97 21.41
CA PRO B 109 -23.79 -3.96 21.08
C PRO B 109 -23.28 -5.07 20.17
N LEU B 110 -23.68 -6.30 20.48
CA LEU B 110 -23.16 -7.47 19.77
C LEU B 110 -24.32 -8.22 19.13
N LEU B 111 -24.19 -8.50 17.85
CA LEU B 111 -25.13 -9.30 17.08
C LEU B 111 -24.37 -10.47 16.46
N ALA B 112 -25.07 -11.56 16.17
CA ALA B 112 -24.50 -12.68 15.47
C ALA B 112 -25.44 -13.12 14.35
N VAL B 113 -24.90 -13.61 13.24
CA VAL B 113 -25.71 -14.02 12.08
C VAL B 113 -25.28 -15.40 11.59
N ARG B 114 -26.26 -16.24 11.35
CA ARG B 114 -26.10 -17.48 10.60
C ARG B 114 -26.90 -17.32 9.33
N ASN B 115 -26.21 -17.34 8.20
CA ASN B 115 -26.79 -17.05 6.90
C ASN B 115 -26.87 -18.43 6.24
N LEU B 116 -28.01 -19.10 6.45
CA LEU B 116 -28.19 -20.41 5.87
C LEU B 116 -28.30 -20.26 4.37
N ARG B 117 -28.01 -21.34 3.66
CA ARG B 117 -28.01 -21.25 2.21
C ARG B 117 -28.35 -22.63 1.63
N PRO B 118 -28.83 -22.67 0.37
CA PRO B 118 -29.42 -23.89 -0.21
C PRO B 118 -28.74 -25.19 0.16
N GLY B 119 -29.53 -26.21 0.51
CA GLY B 119 -28.96 -27.47 0.92
C GLY B 119 -28.00 -27.33 2.08
N ASP B 120 -28.50 -26.89 3.24
CA ASP B 120 -27.74 -26.93 4.47
C ASP B 120 -28.24 -28.07 5.33
N SER B 121 -27.31 -28.70 6.06
CA SER B 121 -27.63 -29.82 6.93
C SER B 121 -28.57 -29.44 8.07
N GLN B 122 -28.86 -28.16 8.24
CA GLN B 122 -29.51 -27.65 9.43
C GLN B 122 -30.76 -26.90 9.05
N THR B 123 -31.86 -27.19 9.74
CA THR B 123 -33.02 -26.32 9.62
C THR B 123 -32.71 -25.02 10.33
N ALA B 124 -33.52 -23.98 10.06
CA ALA B 124 -33.31 -22.75 10.81
C ALA B 124 -33.37 -23.01 12.31
N ALA B 125 -34.26 -23.90 12.74
CA ALA B 125 -34.41 -24.17 14.16
C ALA B 125 -33.15 -24.78 14.75
N GLN B 126 -32.58 -25.77 14.06
CA GLN B 126 -31.36 -26.42 14.57
C GLN B 126 -30.19 -25.44 14.58
N ALA B 127 -30.04 -24.67 13.52
CA ALA B 127 -28.95 -23.71 13.48
C ALA B 127 -29.07 -22.73 14.63
N ARG B 128 -30.29 -22.27 14.89
CA ARG B 128 -30.51 -21.38 16.03
C ARG B 128 -30.12 -22.05 17.35
N ASP B 129 -30.69 -23.21 17.63
CA ASP B 129 -30.42 -23.85 18.92
C ASP B 129 -28.94 -24.11 19.10
N GLN B 130 -28.27 -24.63 18.07
CA GLN B 130 -26.87 -24.98 18.23
C GLN B 130 -26.00 -23.73 18.29
N THR B 131 -26.28 -22.75 17.44
CA THR B 131 -25.49 -21.53 17.48
C THR B 131 -25.77 -20.74 18.75
N ALA B 132 -27.03 -20.72 19.23
CA ALA B 132 -27.30 -20.04 20.49
C ALA B 132 -26.47 -20.66 21.61
N ALA B 133 -26.40 -22.01 21.62
CA ALA B 133 -25.69 -22.72 22.68
C ALA B 133 -24.22 -22.43 22.60
N LEU B 134 -23.69 -22.39 21.36
CA LEU B 134 -22.26 -22.16 21.19
C LEU B 134 -21.93 -20.79 21.73
N LEU B 135 -22.71 -19.78 21.32
CA LEU B 135 -22.44 -18.42 21.78
C LEU B 135 -22.50 -18.34 23.29
N ASN B 136 -23.55 -18.94 23.86
CA ASN B 136 -23.68 -18.85 25.31
C ASN B 136 -22.45 -19.46 25.99
N SER B 137 -22.03 -20.63 25.49
CA SER B 137 -20.90 -21.32 26.10
C SER B 137 -19.61 -20.51 25.98
N ALA B 138 -19.52 -19.61 24.98
CA ALA B 138 -18.33 -18.77 24.83
C ALA B 138 -18.46 -17.42 25.55
N GLY B 139 -19.42 -17.28 26.49
CA GLY B 139 -19.68 -16.01 27.17
C GLY B 139 -20.27 -14.89 26.31
N LEU B 140 -20.87 -15.21 25.17
CA LEU B 140 -21.50 -14.26 24.25
C LEU B 140 -23.02 -14.47 24.20
N GLY B 141 -23.59 -14.96 25.31
CA GLY B 141 -25.03 -15.19 25.40
C GLY B 141 -25.84 -13.93 25.18
N ALA B 142 -25.25 -12.76 25.45
CA ALA B 142 -25.94 -11.49 25.22
C ALA B 142 -25.99 -11.08 23.76
N ALA B 143 -25.33 -11.82 22.87
CA ALA B 143 -25.43 -11.55 21.44
C ALA B 143 -26.86 -11.85 20.97
N ASP B 144 -27.41 -10.91 20.20
CA ASP B 144 -28.68 -11.08 19.51
C ASP B 144 -28.45 -11.93 18.24
N LEU B 145 -29.09 -13.10 18.16
CA LEU B 145 -28.76 -14.08 17.13
C LEU B 145 -29.81 -14.03 16.04
N PHE B 146 -29.36 -13.92 14.79
CA PHE B 146 -30.24 -13.89 13.62
C PHE B 146 -29.90 -15.08 12.75
N VAL B 147 -30.93 -15.82 12.32
CA VAL B 147 -30.74 -17.03 11.52
C VAL B 147 -31.55 -16.83 10.25
N LEU B 148 -30.86 -16.51 9.15
CA LEU B 148 -31.53 -16.20 7.87
C LEU B 148 -31.76 -17.50 7.12
N PRO B 149 -33.00 -17.83 6.74
CA PRO B 149 -33.21 -19.07 6.01
C PRO B 149 -32.51 -19.04 4.65
N ALA B 150 -32.35 -20.24 4.09
CA ALA B 150 -31.76 -20.36 2.77
C ALA B 150 -32.55 -19.54 1.75
N ASN B 151 -33.88 -19.51 1.89
CA ASN B 151 -34.73 -18.79 0.94
C ASN B 151 -34.53 -17.29 0.99
N CYS B 152 -34.09 -16.75 2.13
CA CYS B 152 -33.93 -15.30 2.27
C CYS B 152 -33.07 -14.75 1.14
N CYS B 158 -36.91 -11.46 4.07
CA CYS B 158 -37.62 -12.38 4.93
C CYS B 158 -37.74 -11.82 6.37
N GLU B 159 -38.51 -12.48 7.24
CA GLU B 159 -38.79 -11.89 8.57
C GLU B 159 -37.52 -11.67 9.36
N GLU B 160 -36.61 -12.67 9.37
CA GLU B 160 -35.35 -12.52 10.08
C GLU B 160 -34.49 -11.40 9.51
N LEU B 161 -34.41 -11.28 8.19
CA LEU B 161 -33.63 -10.19 7.62
C LEU B 161 -34.20 -8.83 8.02
N GLU B 162 -35.52 -8.69 8.02
CA GLU B 162 -36.06 -7.40 8.41
C GLU B 162 -35.84 -7.15 9.90
N ARG B 163 -35.92 -8.20 10.73
CA ARG B 163 -35.58 -8.01 12.14
C ARG B 163 -34.12 -7.56 12.28
N LEU B 164 -33.22 -8.09 11.46
CA LEU B 164 -31.83 -7.68 11.58
C LEU B 164 -31.66 -6.21 11.20
N ARG B 165 -32.26 -5.83 10.07
CA ARG B 165 -32.23 -4.44 9.63
C ARG B 165 -32.73 -3.52 10.75
N ALA B 166 -33.90 -3.84 11.32
CA ALA B 166 -34.46 -2.96 12.36
C ALA B 166 -33.61 -2.97 13.64
N ALA B 167 -33.02 -4.13 14.00
CA ALA B 167 -32.16 -4.14 15.18
C ALA B 167 -30.94 -3.27 14.97
N LEU B 168 -30.29 -3.36 13.77
CA LEU B 168 -29.16 -2.51 13.47
C LEU B 168 -29.56 -1.04 13.54
N GLN B 169 -30.71 -0.70 13.01
CA GLN B 169 -31.06 0.71 12.97
C GLN B 169 -31.38 1.22 14.35
N SER B 170 -32.06 0.42 15.17
CA SER B 170 -32.42 0.89 16.48
C SER B 170 -31.17 0.95 17.39
N GLN B 171 -30.26 -0.03 17.30
CA GLN B 171 -29.01 0.12 18.05
C GLN B 171 -28.28 1.39 17.65
N ALA B 172 -28.24 1.68 16.37
CA ALA B 172 -27.57 2.90 15.88
C ALA B 172 -28.29 4.18 16.32
N GLU B 173 -29.63 4.21 16.32
CA GLU B 173 -30.33 5.40 16.84
C GLU B 173 -29.85 5.74 18.25
N ALA B 174 -29.57 4.71 19.07
CA ALA B 174 -29.26 4.98 20.47
C ALA B 174 -27.82 5.46 20.64
N LEU B 175 -26.94 5.07 19.73
CA LEU B 175 -25.51 5.33 19.91
C LEU B 175 -25.07 6.69 19.36
N ARG B 176 -25.85 7.28 18.45
CA ARG B 176 -25.43 8.52 17.78
C ARG B 176 -25.02 9.61 18.75
N ARG B 177 -25.72 9.73 19.87
CA ARG B 177 -25.42 10.78 20.84
C ARG B 177 -24.10 10.58 21.57
N LEU B 178 -23.50 9.41 21.52
CA LEU B 178 -22.21 9.17 22.15
C LEU B 178 -21.03 9.42 21.21
N LEU B 179 -21.30 9.67 19.94
CA LEU B 179 -20.29 9.62 18.88
C LEU B 179 -20.23 10.94 18.12
N PRO B 180 -19.05 11.39 17.77
CA PRO B 180 -18.92 12.59 16.94
C PRO B 180 -19.34 12.36 15.50
N PRO B 181 -19.69 13.43 14.77
CA PRO B 181 -19.84 13.29 13.33
C PRO B 181 -18.55 12.86 12.66
N ALA B 182 -18.69 12.26 11.47
CA ALA B 182 -17.50 11.78 10.76
C ALA B 182 -16.53 12.92 10.45
N GLN B 183 -17.03 14.14 10.19
CA GLN B 183 -16.22 15.33 9.89
C GLN B 183 -15.43 15.78 11.09
N ASP B 184 -15.64 15.16 12.25
CA ASP B 184 -14.99 15.61 13.46
C ASP B 184 -13.51 15.78 13.24
N GLY B 185 -13.05 17.00 13.43
CA GLY B 185 -11.65 17.29 13.34
C GLY B 185 -11.17 17.63 11.95
N PHE B 186 -11.96 17.36 10.92
CA PHE B 186 -11.59 17.77 9.57
C PHE B 186 -11.84 19.25 9.37
N GLU B 187 -10.88 19.96 8.77
CA GLU B 187 -11.18 21.27 8.20
C GLU B 187 -11.90 21.09 6.87
N VAL B 188 -13.19 21.39 6.84
CA VAL B 188 -14.01 21.26 5.64
C VAL B 188 -13.87 22.53 4.80
N LEU B 189 -13.06 22.46 3.74
CA LEU B 189 -12.87 23.56 2.82
C LEU B 189 -14.10 23.76 1.92
N MET C 1 -11.34 -11.29 -7.08
CA MET C 1 -9.94 -11.63 -7.26
C MET C 1 -9.71 -11.91 -8.75
N LYS C 2 -8.89 -11.09 -9.39
CA LYS C 2 -8.46 -11.39 -10.75
C LYS C 2 -7.23 -12.31 -10.67
N TRP C 3 -7.13 -13.23 -11.63
CA TRP C 3 -6.03 -14.19 -11.68
C TRP C 3 -5.23 -13.93 -12.94
N MET C 4 -3.97 -13.54 -12.77
CA MET C 4 -3.11 -13.26 -13.91
C MET C 4 -3.08 -14.42 -14.90
N PHE C 5 -3.04 -15.67 -14.40
CA PHE C 5 -2.98 -16.83 -15.27
C PHE C 5 -4.17 -16.89 -16.21
N LYS C 6 -5.36 -16.59 -15.68
CA LYS C 6 -6.58 -16.55 -16.47
C LYS C 6 -6.59 -15.33 -17.39
N GLU C 7 -6.07 -14.21 -16.93
CA GLU C 7 -5.95 -13.05 -17.83
C GLU C 7 -5.08 -13.35 -19.03
N ASP C 8 -4.07 -14.21 -18.85
CA ASP C 8 -3.03 -14.46 -19.86
C ASP C 8 -3.41 -15.53 -20.89
N HIS C 9 -4.52 -16.23 -20.73
CA HIS C 9 -4.84 -17.41 -21.54
C HIS C 9 -6.33 -17.60 -21.71
N SER C 10 -6.74 -18.00 -22.93
CA SER C 10 -8.13 -18.35 -23.15
C SER C 10 -8.51 -19.53 -22.27
N LEU C 11 -9.80 -19.59 -21.93
CA LEU C 11 -10.33 -20.78 -21.26
C LEU C 11 -9.88 -22.05 -21.97
N GLU C 12 -10.03 -22.07 -23.32
CA GLU C 12 -9.70 -23.28 -24.07
C GLU C 12 -8.22 -23.61 -23.92
N HIS C 13 -7.34 -22.61 -23.99
CA HIS C 13 -5.92 -22.87 -23.75
C HIS C 13 -5.72 -23.53 -22.38
N ARG C 14 -6.34 -22.95 -21.34
CA ARG C 14 -6.16 -23.51 -20.00
C ARG C 14 -6.73 -24.93 -19.92
N CYS C 15 -7.91 -25.17 -20.52
CA CYS C 15 -8.47 -26.53 -20.52
C CYS C 15 -7.51 -27.54 -21.14
N VAL C 16 -6.93 -27.20 -22.29
CA VAL C 16 -6.06 -28.20 -22.93
C VAL C 16 -4.82 -28.44 -22.09
N GLU C 17 -4.25 -27.37 -21.54
CA GLU C 17 -3.08 -27.49 -20.69
C GLU C 17 -3.34 -28.43 -19.51
N SER C 18 -4.39 -28.15 -18.72
CA SER C 18 -4.67 -29.04 -17.58
C SER C 18 -5.00 -30.44 -18.03
N ALA C 19 -5.79 -30.57 -19.11
CA ALA C 19 -6.13 -31.90 -19.61
C ALA C 19 -4.89 -32.70 -20.00
N LYS C 20 -3.94 -32.08 -20.74
CA LYS C 20 -2.76 -32.84 -21.14
C LYS C 20 -1.98 -33.27 -19.88
N ILE C 21 -1.81 -32.34 -18.94
CA ILE C 21 -0.99 -32.68 -17.77
C ILE C 21 -1.64 -33.72 -16.85
N ARG C 22 -2.97 -33.72 -16.79
CA ARG C 22 -3.71 -34.73 -16.01
C ARG C 22 -3.68 -36.11 -16.66
N ALA C 23 -3.77 -36.16 -18.00
CA ALA C 23 -3.60 -37.44 -18.67
C ALA C 23 -2.17 -37.96 -18.52
N LYS C 24 -1.19 -37.07 -18.59
CA LYS C 24 0.21 -37.50 -18.50
C LYS C 24 0.61 -37.89 -17.09
N TYR C 25 0.22 -37.09 -16.11
CA TYR C 25 0.56 -37.27 -14.69
C TYR C 25 -0.71 -37.45 -13.89
N PRO C 26 -1.31 -38.64 -13.92
CA PRO C 26 -2.63 -38.80 -13.28
C PRO C 26 -2.56 -38.80 -11.74
N ASP C 27 -1.36 -38.87 -11.17
CA ASP C 27 -1.20 -38.78 -9.71
C ASP C 27 -0.66 -37.44 -9.25
N ARG C 28 -0.76 -36.40 -10.08
N ARG C 28 -0.79 -36.41 -10.06
CA ARG C 28 -0.39 -35.06 -9.68
CA ARG C 28 -0.40 -35.06 -9.73
C ARG C 28 -1.54 -34.14 -10.07
C ARG C 28 -1.55 -34.12 -10.09
N VAL C 29 -1.57 -32.96 -9.46
CA VAL C 29 -2.58 -31.97 -9.81
C VAL C 29 -1.90 -30.67 -10.19
N PRO C 30 -2.44 -29.99 -11.18
CA PRO C 30 -1.92 -28.67 -11.58
C PRO C 30 -2.52 -27.54 -10.76
N VAL C 31 -1.67 -26.67 -10.21
CA VAL C 31 -2.13 -25.61 -9.30
C VAL C 31 -1.58 -24.26 -9.75
N ILE C 32 -2.40 -23.25 -9.71
CA ILE C 32 -1.98 -21.85 -9.80
C ILE C 32 -1.99 -21.27 -8.39
N VAL C 33 -0.89 -20.63 -7.99
CA VAL C 33 -0.75 -19.93 -6.72
C VAL C 33 -0.56 -18.44 -7.00
N GLU C 34 -1.36 -17.62 -6.34
CA GLU C 34 -1.23 -16.18 -6.46
C GLU C 34 -1.45 -15.55 -5.10
N LYS C 35 -0.69 -14.51 -4.78
CA LYS C 35 -0.98 -13.77 -3.55
C LYS C 35 -2.25 -12.96 -3.70
N VAL C 36 -2.98 -12.84 -2.59
CA VAL C 36 -4.20 -12.05 -2.60
C VAL C 36 -3.89 -10.63 -3.06
N SER C 37 -4.72 -10.13 -3.97
CA SER C 37 -4.59 -8.75 -4.44
C SER C 37 -4.56 -7.78 -3.28
N GLY C 38 -3.55 -6.93 -3.25
CA GLY C 38 -3.51 -5.87 -2.27
C GLY C 38 -2.96 -6.26 -0.92
N SER C 39 -2.62 -7.53 -0.71
CA SER C 39 -2.04 -7.95 0.55
C SER C 39 -0.59 -7.51 0.66
N GLN C 40 -0.10 -7.51 1.88
CA GLN C 40 1.22 -7.00 2.17
C GLN C 40 2.28 -8.07 2.07
N ILE C 41 1.89 -9.35 2.14
CA ILE C 41 2.85 -10.45 2.19
C ILE C 41 3.74 -10.48 0.94
N VAL C 42 4.98 -10.94 1.12
CA VAL C 42 5.87 -11.06 -0.03
C VAL C 42 5.29 -11.95 -1.12
N ASP C 43 5.71 -11.68 -2.36
CA ASP C 43 5.05 -12.30 -3.49
C ASP C 43 5.87 -13.52 -3.88
N ILE C 44 5.36 -14.33 -4.80
CA ILE C 44 5.95 -15.63 -5.13
C ILE C 44 6.47 -15.58 -6.57
N ASP C 45 7.61 -16.21 -6.81
CA ASP C 45 8.27 -16.07 -8.11
C ASP C 45 7.59 -16.90 -9.20
N LYS C 46 7.14 -18.10 -8.85
CA LYS C 46 6.53 -19.05 -9.76
C LYS C 46 5.08 -19.23 -9.38
N ARG C 47 4.17 -19.21 -10.37
CA ARG C 47 2.73 -19.31 -10.11
C ARG C 47 2.15 -20.67 -10.44
N LYS C 48 2.82 -21.47 -11.27
CA LYS C 48 2.26 -22.68 -11.81
C LYS C 48 3.04 -23.88 -11.33
N TYR C 49 2.35 -24.82 -10.68
CA TYR C 49 2.97 -25.94 -9.98
C TYR C 49 2.30 -27.21 -10.43
N LEU C 50 3.05 -28.32 -10.34
CA LEU C 50 2.49 -29.65 -10.59
C LEU C 50 2.75 -30.44 -9.31
N VAL C 51 1.70 -30.78 -8.57
CA VAL C 51 1.80 -31.16 -7.16
C VAL C 51 1.41 -32.62 -7.00
N PRO C 52 2.18 -33.44 -6.27
CA PRO C 52 1.75 -34.83 -6.04
C PRO C 52 0.40 -34.82 -5.32
N SER C 53 -0.54 -35.64 -5.81
CA SER C 53 -1.86 -35.59 -5.20
C SER C 53 -1.89 -36.05 -3.76
N ASP C 54 -0.88 -36.74 -3.29
CA ASP C 54 -0.96 -37.29 -1.95
C ASP C 54 -0.35 -36.39 -0.89
N ILE C 55 0.20 -35.21 -1.22
CA ILE C 55 0.64 -34.35 -0.14
C ILE C 55 -0.58 -33.65 0.42
N THR C 56 -0.51 -33.23 1.69
CA THR C 56 -1.66 -32.61 2.30
C THR C 56 -1.70 -31.12 1.98
N VAL C 57 -2.87 -30.52 2.17
CA VAL C 57 -2.98 -29.06 2.07
C VAL C 57 -2.00 -28.39 3.03
N ALA C 58 -1.87 -28.91 4.26
CA ALA C 58 -0.87 -28.37 5.18
C ALA C 58 0.53 -28.41 4.58
N GLN C 59 0.92 -29.53 3.99
CA GLN C 59 2.26 -29.64 3.42
C GLN C 59 2.45 -28.65 2.28
N PHE C 60 1.45 -28.51 1.42
CA PHE C 60 1.53 -27.53 0.35
C PHE C 60 1.68 -26.12 0.92
N MET C 61 1.00 -25.82 2.06
CA MET C 61 1.19 -24.48 2.61
C MET C 61 2.63 -24.29 3.10
N TRP C 62 3.26 -25.35 3.61
CA TRP C 62 4.66 -25.24 3.99
C TRP C 62 5.55 -25.05 2.77
N ILE C 63 5.21 -25.72 1.68
CA ILE C 63 5.97 -25.56 0.45
C ILE C 63 5.93 -24.09 0.02
N ILE C 64 4.75 -23.47 0.10
CA ILE C 64 4.65 -22.07 -0.29
C ILE C 64 5.44 -21.20 0.68
N ARG C 65 5.26 -21.40 1.99
CA ARG C 65 6.02 -20.62 2.96
C ARG C 65 7.51 -20.67 2.64
N LYS C 66 8.01 -21.85 2.30
CA LYS C 66 9.44 -22.02 2.03
C LYS C 66 9.85 -21.34 0.72
N ARG C 67 8.99 -21.41 -0.31
CA ARG C 67 9.29 -20.78 -1.59
C ARG C 67 9.37 -19.26 -1.47
N ILE C 68 8.53 -18.64 -0.62
CA ILE C 68 8.60 -17.19 -0.47
C ILE C 68 9.50 -16.75 0.68
N GLN C 69 10.06 -17.71 1.44
CA GLN C 69 10.90 -17.45 2.64
C GLN C 69 10.19 -16.56 3.66
N LEU C 70 8.97 -16.94 3.99
CA LEU C 70 8.23 -16.23 5.04
C LEU C 70 8.71 -16.71 6.41
N PRO C 71 9.19 -15.83 7.27
CA PRO C 71 9.67 -16.27 8.59
C PRO C 71 8.59 -16.93 9.41
N SER C 72 8.99 -17.93 10.20
CA SER C 72 8.00 -18.75 10.89
C SER C 72 7.10 -17.93 11.80
N GLU C 73 7.59 -16.80 12.32
CA GLU C 73 6.78 -16.00 13.22
C GLU C 73 5.64 -15.25 12.52
N LYS C 74 5.53 -15.37 11.19
CA LYS C 74 4.49 -14.71 10.41
C LYS C 74 3.50 -15.75 9.92
N ALA C 75 2.21 -15.44 10.05
CA ALA C 75 1.20 -16.39 9.60
C ALA C 75 1.06 -16.35 8.09
N ILE C 76 0.60 -17.47 7.55
CA ILE C 76 0.18 -17.63 6.16
C ILE C 76 -1.17 -18.36 6.13
N PHE C 77 -1.99 -18.02 5.16
CA PHE C 77 -3.32 -18.56 4.88
C PHE C 77 -3.43 -18.88 3.40
N LEU C 78 -4.02 -20.03 3.09
CA LEU C 78 -4.48 -20.35 1.76
C LEU C 78 -5.98 -20.15 1.67
N PHE C 79 -6.41 -19.78 0.47
CA PHE C 79 -7.82 -19.65 0.16
C PHE C 79 -8.08 -20.33 -1.18
N VAL C 80 -9.16 -21.11 -1.23
CA VAL C 80 -9.57 -21.76 -2.47
C VAL C 80 -11.07 -21.55 -2.58
N ASP C 81 -11.50 -20.97 -3.70
N ASP C 81 -11.50 -20.98 -3.70
CA ASP C 81 -12.91 -20.67 -3.92
CA ASP C 81 -12.93 -20.68 -3.93
C ASP C 81 -13.48 -19.95 -2.70
C ASP C 81 -13.51 -19.91 -2.73
N LYS C 82 -12.80 -18.86 -2.33
CA LYS C 82 -13.26 -17.88 -1.36
C LYS C 82 -13.17 -18.39 0.08
N THR C 83 -12.65 -19.59 0.32
CA THR C 83 -12.70 -20.06 1.71
C THR C 83 -11.38 -20.73 2.08
N VAL C 84 -11.18 -20.97 3.38
CA VAL C 84 -9.97 -21.64 3.86
C VAL C 84 -10.13 -23.15 3.65
N PRO C 85 -9.21 -23.81 2.94
CA PRO C 85 -9.38 -25.25 2.66
C PRO C 85 -8.95 -26.08 3.86
N GLN C 86 -9.64 -27.21 4.02
CA GLN C 86 -9.33 -28.13 5.12
C GLN C 86 -7.86 -28.58 5.06
N SER C 87 -7.07 -28.26 6.10
CA SER C 87 -5.62 -28.45 6.02
C SER C 87 -5.24 -29.94 5.88
N SER C 88 -6.10 -30.83 6.36
CA SER C 88 -5.82 -32.27 6.40
C SER C 88 -6.25 -33.00 5.13
N LEU C 89 -6.93 -32.32 4.19
CA LEU C 89 -7.18 -32.89 2.87
C LEU C 89 -5.87 -33.15 2.12
N THR C 90 -5.87 -34.17 1.25
CA THR C 90 -4.76 -34.21 0.31
C THR C 90 -5.02 -33.20 -0.83
N MET C 91 -3.94 -32.84 -1.52
CA MET C 91 -4.08 -31.98 -2.70
C MET C 91 -4.92 -32.64 -3.77
N GLY C 92 -4.88 -33.97 -3.86
CA GLY C 92 -5.75 -34.63 -4.81
C GLY C 92 -7.21 -34.55 -4.41
N GLN C 93 -7.50 -34.58 -3.10
CA GLN C 93 -8.91 -34.46 -2.70
C GLN C 93 -9.39 -33.04 -2.90
N LEU C 94 -8.55 -32.06 -2.57
CA LEU C 94 -8.94 -30.66 -2.75
C LEU C 94 -9.16 -30.35 -4.21
N TYR C 95 -8.28 -30.87 -5.07
CA TYR C 95 -8.44 -30.73 -6.51
C TYR C 95 -9.81 -31.23 -6.96
N GLU C 96 -10.15 -32.47 -6.60
CA GLU C 96 -11.43 -33.03 -7.02
C GLU C 96 -12.61 -32.22 -6.49
N LYS C 97 -12.47 -31.63 -5.30
CA LYS C 97 -13.56 -30.88 -4.68
C LYS C 97 -13.74 -29.47 -5.28
N GLU C 98 -12.64 -28.81 -5.65
CA GLU C 98 -12.61 -27.37 -5.86
C GLU C 98 -11.85 -26.95 -7.13
N LYS C 99 -11.46 -27.88 -7.97
CA LYS C 99 -10.83 -27.53 -9.23
C LYS C 99 -11.73 -26.60 -10.04
N ASP C 100 -11.11 -25.62 -10.69
CA ASP C 100 -11.76 -24.75 -11.65
C ASP C 100 -12.36 -25.54 -12.81
N GLU C 101 -13.31 -24.89 -13.51
CA GLU C 101 -13.84 -25.49 -14.72
C GLU C 101 -12.72 -25.67 -15.75
N ASP C 102 -11.62 -24.90 -15.65
CA ASP C 102 -10.52 -25.04 -16.61
C ASP C 102 -9.55 -26.15 -16.21
N GLY C 103 -9.84 -26.90 -15.15
CA GLY C 103 -9.04 -28.04 -14.77
C GLY C 103 -7.84 -27.74 -13.90
N PHE C 104 -7.55 -26.46 -13.62
CA PHE C 104 -6.54 -26.09 -12.65
C PHE C 104 -7.21 -25.87 -11.28
N LEU C 105 -6.44 -26.07 -10.23
CA LEU C 105 -6.82 -25.63 -8.87
C LEU C 105 -6.22 -24.26 -8.61
N TYR C 106 -7.03 -23.29 -8.18
CA TYR C 106 -6.52 -21.96 -7.92
C TYR C 106 -6.40 -21.72 -6.42
N VAL C 107 -5.18 -21.38 -5.97
CA VAL C 107 -4.84 -21.24 -4.54
C VAL C 107 -4.33 -19.83 -4.38
N ALA C 108 -5.05 -19.03 -3.60
CA ALA C 108 -4.57 -17.69 -3.24
C ALA C 108 -3.89 -17.80 -1.87
N TYR C 109 -2.93 -16.93 -1.59
CA TYR C 109 -2.36 -16.90 -0.25
C TYR C 109 -2.19 -15.48 0.25
N SER C 110 -2.08 -15.36 1.59
CA SER C 110 -1.82 -14.05 2.17
C SER C 110 -1.25 -14.24 3.57
N GLY C 111 -0.69 -13.15 4.10
CA GLY C 111 -0.41 -13.07 5.53
C GLY C 111 -1.66 -12.69 6.32
N GLU C 112 -1.44 -12.20 7.53
CA GLU C 112 -2.51 -11.67 8.38
C GLU C 112 -2.96 -10.33 7.84
N ASN C 113 -3.54 -10.37 6.64
CA ASN C 113 -3.80 -9.19 5.86
C ASN C 113 -4.84 -8.33 6.56
N THR C 114 -4.41 -7.17 7.08
CA THR C 114 -5.33 -6.17 7.60
C THR C 114 -6.61 -5.99 6.78
N PHE C 115 -6.53 -6.08 5.45
CA PHE C 115 -7.71 -5.80 4.64
C PHE C 115 -8.55 -7.02 4.33
N GLY C 116 -8.32 -8.16 5.01
CA GLY C 116 -9.21 -9.30 4.87
C GLY C 116 -8.94 -10.05 3.56
N PHE C 117 -9.98 -10.54 2.88
CA PHE C 117 -9.84 -11.42 1.73
C PHE C 117 -11.19 -11.31 1.01
N PRO D 4 47.94 10.70 -3.58
CA PRO D 4 46.50 10.75 -3.27
C PRO D 4 46.16 10.62 -1.77
N GLN D 5 46.20 11.74 -1.05
CA GLN D 5 45.87 11.79 0.37
C GLN D 5 44.60 12.58 0.66
N GLY D 6 44.01 13.19 -0.35
CA GLY D 6 42.84 14.00 -0.13
C GLY D 6 41.55 13.20 -0.03
N ASP D 7 40.51 13.92 0.32
CA ASP D 7 39.16 13.38 0.39
C ASP D 7 38.25 14.12 -0.59
N VAL D 8 37.51 13.36 -1.38
CA VAL D 8 36.78 13.85 -2.53
C VAL D 8 35.31 13.59 -2.25
N THR D 9 34.48 14.58 -2.55
CA THR D 9 33.05 14.42 -2.37
C THR D 9 32.38 14.40 -3.74
N ALA D 10 31.49 13.41 -3.95
CA ALA D 10 30.63 13.38 -5.14
C ALA D 10 29.19 13.54 -4.68
N LEU D 11 28.53 14.59 -5.17
CA LEU D 11 27.14 14.86 -4.80
C LEU D 11 26.22 14.49 -5.95
N PHE D 12 25.16 13.74 -5.63
CA PHE D 12 24.15 13.34 -6.60
C PHE D 12 22.96 14.27 -6.37
N LEU D 13 22.66 15.13 -7.35
CA LEU D 13 21.57 16.11 -7.20
C LEU D 13 20.49 15.80 -8.22
N GLY D 14 19.21 15.91 -7.82
CA GLY D 14 18.17 15.65 -8.79
C GLY D 14 16.85 15.54 -8.06
N PRO D 15 15.77 15.37 -8.82
CA PRO D 15 14.44 15.44 -8.25
C PRO D 15 14.23 14.35 -7.22
N PRO D 16 13.29 14.58 -6.31
CA PRO D 16 12.96 13.57 -5.31
C PRO D 16 12.26 12.39 -5.95
N GLY D 17 12.48 11.22 -5.38
CA GLY D 17 11.82 9.99 -5.75
C GLY D 17 12.53 9.20 -6.82
N LEU D 18 13.76 9.57 -7.18
CA LEU D 18 14.47 8.89 -8.25
C LEU D 18 15.41 7.79 -7.74
N GLY D 19 15.43 7.54 -6.43
CA GLY D 19 16.24 6.45 -5.92
C GLY D 19 17.69 6.83 -5.75
N LYS D 20 17.97 8.10 -5.49
CA LYS D 20 19.37 8.51 -5.35
C LYS D 20 20.06 7.80 -4.16
N SER D 21 19.34 7.60 -3.03
CA SER D 21 19.95 6.87 -1.90
C SER D 21 20.26 5.45 -2.30
N ALA D 22 19.31 4.76 -2.92
CA ALA D 22 19.57 3.37 -3.30
C ALA D 22 20.69 3.30 -4.33
N LEU D 23 20.81 4.31 -5.19
CA LEU D 23 21.91 4.33 -6.15
C LEU D 23 23.25 4.41 -5.45
N ILE D 24 23.34 5.28 -4.44
CA ILE D 24 24.59 5.43 -3.70
C ILE D 24 24.94 4.15 -2.95
N ALA D 25 23.94 3.54 -2.34
CA ALA D 25 24.19 2.29 -1.63
C ALA D 25 24.70 1.21 -2.60
N ALA D 26 24.05 1.07 -3.75
CA ALA D 26 24.51 0.09 -4.74
C ALA D 26 25.93 0.39 -5.20
N LEU D 27 26.29 1.68 -5.29
CA LEU D 27 27.64 2.01 -5.72
C LEU D 27 28.66 1.69 -4.63
N CYS D 28 28.29 1.81 -3.35
CA CYS D 28 29.20 1.57 -2.23
C CYS D 28 29.32 0.10 -1.87
N ASP D 29 28.44 -0.75 -2.41
CA ASP D 29 28.33 -2.13 -1.96
C ASP D 29 28.44 -2.23 -0.44
N PRO D 47 24.39 16.54 4.49
CA PRO D 47 23.78 15.27 4.11
C PRO D 47 24.56 14.10 4.68
N SER D 48 24.15 12.87 4.39
CA SER D 48 24.87 11.71 4.88
C SER D 48 25.84 11.27 3.78
N LEU D 49 27.13 11.26 4.10
CA LEU D 49 28.12 10.86 3.12
C LEU D 49 28.50 9.42 3.39
N ARG D 50 28.51 8.60 2.35
CA ARG D 50 28.96 7.22 2.44
C ARG D 50 30.33 7.07 1.78
N ALA D 51 31.19 6.30 2.41
CA ALA D 51 32.49 6.05 1.81
C ALA D 51 32.33 5.15 0.60
N ALA D 52 33.06 5.47 -0.49
CA ALA D 52 33.06 4.60 -1.67
C ALA D 52 34.49 4.34 -2.10
N GLY D 53 35.29 3.85 -1.19
CA GLY D 53 36.69 3.68 -1.47
C GLY D 53 37.47 4.77 -0.79
N PRO D 54 38.78 4.55 -0.60
CA PRO D 54 39.54 5.51 0.20
C PRO D 54 39.46 6.88 -0.48
N GLY D 55 39.19 7.90 0.33
CA GLY D 55 39.16 9.25 -0.18
C GLY D 55 37.97 9.64 -1.01
N LEU D 56 36.98 8.78 -1.18
CA LEU D 56 35.77 9.14 -1.92
C LEU D 56 34.53 9.00 -1.05
N PHE D 57 33.79 10.10 -0.92
CA PHE D 57 32.55 10.16 -0.17
C PHE D 57 31.40 10.50 -1.11
N LEU D 58 30.29 9.77 -1.02
CA LEU D 58 29.11 10.05 -1.86
C LEU D 58 27.93 10.56 -1.02
N GLY D 59 27.26 11.61 -1.52
CA GLY D 59 26.05 12.11 -0.87
C GLY D 59 24.98 12.48 -1.90
N GLU D 60 23.73 12.58 -1.44
CA GLU D 60 22.63 12.98 -2.32
C GLU D 60 21.74 14.02 -1.67
N LEU D 61 21.22 14.92 -2.53
CA LEU D 61 20.25 15.96 -2.10
C LEU D 61 19.18 16.07 -3.16
N SER D 62 17.94 16.13 -2.69
CA SER D 62 16.80 16.21 -3.60
C SER D 62 16.55 17.66 -3.95
N CYS D 63 16.61 17.95 -5.25
CA CYS D 63 16.39 19.29 -5.80
C CYS D 63 15.34 19.10 -6.88
N PRO D 64 14.15 19.68 -6.72
CA PRO D 64 13.67 20.41 -5.53
C PRO D 64 13.55 19.53 -4.32
N PRO D 65 13.38 20.14 -3.13
CA PRO D 65 13.25 21.58 -2.89
C PRO D 65 14.59 22.23 -2.60
N ALA D 66 15.69 21.52 -2.30
CA ALA D 66 16.95 22.23 -2.09
C ALA D 66 17.40 22.98 -3.35
N ALA D 67 17.88 24.19 -3.15
CA ALA D 67 18.52 24.95 -4.23
C ALA D 67 19.82 24.25 -4.61
N PRO D 68 20.01 23.86 -5.89
CA PRO D 68 21.13 22.97 -6.19
C PRO D 68 22.48 23.71 -6.21
N GLY D 69 22.44 25.01 -6.53
CA GLY D 69 23.67 25.74 -6.76
C GLY D 69 24.63 25.71 -5.59
N PRO D 70 24.14 25.98 -4.36
CA PRO D 70 25.06 26.02 -3.22
C PRO D 70 25.58 24.64 -2.83
N TRP D 71 24.81 23.60 -3.10
CA TRP D 71 25.31 22.24 -2.88
C TRP D 71 26.30 21.85 -3.98
N ALA D 72 25.94 22.13 -5.23
CA ALA D 72 26.83 21.77 -6.34
C ALA D 72 28.18 22.48 -6.22
N ALA D 73 28.20 23.70 -5.69
CA ALA D 73 29.45 24.41 -5.42
C ALA D 73 30.42 23.62 -4.54
N GLU D 74 29.95 22.64 -3.78
CA GLU D 74 30.78 21.90 -2.83
C GLU D 74 31.17 20.54 -3.36
N ALA D 75 30.67 20.20 -4.55
CA ALA D 75 30.90 18.91 -5.18
C ALA D 75 32.24 18.89 -5.93
N ASN D 76 33.14 17.95 -5.59
CA ASN D 76 34.33 17.72 -6.39
C ASN D 76 33.97 16.97 -7.65
N VAL D 77 32.89 16.20 -7.59
CA VAL D 77 32.34 15.51 -8.74
C VAL D 77 30.85 15.73 -8.62
N LEU D 78 30.21 16.17 -9.70
CA LEU D 78 28.77 16.45 -9.67
C LEU D 78 28.04 15.41 -10.52
N VAL D 79 27.05 14.76 -9.92
CA VAL D 79 26.29 13.73 -10.59
C VAL D 79 24.85 14.19 -10.66
N LEU D 80 24.33 14.34 -11.90
CA LEU D 80 22.93 14.70 -12.10
C LEU D 80 22.13 13.42 -12.13
N VAL D 81 21.03 13.37 -11.40
CA VAL D 81 20.12 12.23 -11.46
C VAL D 81 18.83 12.71 -12.08
N LEU D 82 18.47 12.15 -13.23
CA LEU D 82 17.46 12.82 -14.01
C LEU D 82 16.34 11.88 -14.32
N PRO D 83 15.11 12.38 -14.42
CA PRO D 83 13.99 11.51 -14.80
C PRO D 83 13.92 11.41 -16.31
N GLY D 84 13.01 10.55 -16.75
CA GLY D 84 12.60 10.49 -18.13
C GLY D 84 11.61 11.57 -18.49
N PRO D 85 11.35 11.70 -19.79
CA PRO D 85 10.47 12.78 -20.25
C PRO D 85 9.03 12.55 -19.82
N GLU D 86 8.67 11.31 -19.49
CA GLU D 86 7.33 10.96 -19.04
C GLU D 86 6.99 11.55 -17.68
N GLY D 87 7.96 12.13 -16.97
CA GLY D 87 7.73 12.72 -15.67
C GLY D 87 6.99 14.06 -15.69
N ASN D 88 6.62 14.47 -14.50
CA ASN D 88 5.92 15.73 -14.36
C ASN D 88 6.90 16.87 -14.54
N GLY D 89 6.58 17.77 -15.46
CA GLY D 89 7.57 18.76 -15.81
C GLY D 89 8.60 18.23 -16.80
N GLU D 90 9.81 18.75 -16.67
CA GLU D 90 10.92 18.47 -17.56
C GLU D 90 12.11 17.97 -16.78
N PRO D 91 12.99 17.22 -17.43
CA PRO D 91 14.00 16.48 -16.66
C PRO D 91 15.11 17.32 -16.12
N LEU D 92 15.43 18.48 -16.70
CA LEU D 92 16.54 19.27 -16.21
C LEU D 92 15.98 20.60 -15.75
N ALA D 93 15.69 20.76 -14.45
CA ALA D 93 15.12 22.03 -14.05
C ALA D 93 16.13 23.16 -14.30
N PRO D 94 15.65 24.36 -14.43
CA PRO D 94 16.59 25.48 -14.65
C PRO D 94 17.73 25.63 -13.64
N ALA D 95 17.41 25.68 -12.32
CA ALA D 95 18.49 25.86 -11.36
C ALA D 95 19.49 24.71 -11.45
N LEU D 96 19.01 23.50 -11.66
CA LEU D 96 19.97 22.38 -11.74
C LEU D 96 20.84 22.51 -13.00
N GLY D 97 20.26 22.93 -14.10
CA GLY D 97 21.06 23.15 -15.29
C GLY D 97 22.08 24.25 -15.10
N GLU D 98 21.72 25.29 -14.37
CA GLU D 98 22.71 26.34 -14.14
C GLU D 98 23.82 25.82 -13.23
N ALA D 99 23.45 25.05 -12.21
CA ALA D 99 24.46 24.46 -11.33
C ALA D 99 25.45 23.61 -12.14
N ALA D 100 24.94 22.81 -13.06
CA ALA D 100 25.79 21.92 -13.85
C ALA D 100 26.74 22.73 -14.75
N LEU D 101 26.21 23.80 -15.34
CA LEU D 101 27.06 24.68 -16.13
C LEU D 101 28.16 25.28 -15.26
N ALA D 102 27.83 25.71 -14.05
CA ALA D 102 28.85 26.28 -13.19
C ALA D 102 29.88 25.23 -12.77
N ALA D 103 29.49 23.97 -12.59
CA ALA D 103 30.48 22.91 -12.35
C ALA D 103 31.43 22.78 -13.53
N LEU D 104 30.86 22.68 -14.74
CA LEU D 104 31.71 22.56 -15.93
C LEU D 104 32.65 23.77 -16.03
N ALA D 105 32.12 24.97 -15.77
CA ALA D 105 32.92 26.20 -15.93
C ALA D 105 34.15 26.17 -15.04
N ARG D 106 34.07 25.53 -13.88
CA ARG D 106 35.22 25.50 -12.98
C ARG D 106 36.00 24.22 -13.10
N GLY D 107 35.68 23.39 -14.07
CA GLY D 107 36.45 22.21 -14.30
C GLY D 107 36.07 21.02 -13.45
N THR D 108 34.91 21.07 -12.77
CA THR D 108 34.43 19.91 -12.02
C THR D 108 33.82 18.88 -12.95
N PRO D 109 34.14 17.60 -12.80
CA PRO D 109 33.57 16.59 -13.69
C PRO D 109 32.10 16.48 -13.45
N LEU D 110 31.35 16.27 -14.54
CA LEU D 110 29.90 16.22 -14.54
C LEU D 110 29.47 14.88 -15.11
N LEU D 111 28.76 14.09 -14.28
CA LEU D 111 28.15 12.86 -14.70
C LEU D 111 26.63 13.02 -14.67
N ALA D 112 25.93 12.22 -15.48
CA ALA D 112 24.48 12.23 -15.40
C ALA D 112 23.98 10.80 -15.43
N VAL D 113 22.91 10.56 -14.71
CA VAL D 113 22.40 9.21 -14.55
C VAL D 113 20.91 9.18 -14.85
N ARG D 114 20.53 8.27 -15.72
CA ARG D 114 19.14 7.88 -15.92
C ARG D 114 19.02 6.49 -15.35
N ASN D 115 18.17 6.37 -14.33
CA ASN D 115 17.96 5.14 -13.56
C ASN D 115 16.59 4.65 -13.97
N LEU D 116 16.57 3.84 -15.03
CA LEU D 116 15.36 3.24 -15.53
C LEU D 116 14.88 2.17 -14.55
N ARG D 117 13.57 2.08 -14.39
CA ARG D 117 13.01 1.21 -13.39
C ARG D 117 11.84 0.46 -14.00
N PRO D 118 11.47 -0.69 -13.44
CA PRO D 118 10.56 -1.61 -14.14
C PRO D 118 9.40 -0.91 -14.82
N GLY D 119 9.03 -1.37 -16.01
CA GLY D 119 7.94 -0.73 -16.73
C GLY D 119 8.19 0.73 -17.05
N ASP D 120 9.08 0.99 -18.01
CA ASP D 120 9.34 2.34 -18.50
C ASP D 120 8.98 2.44 -19.97
N SER D 121 8.46 3.61 -20.35
CA SER D 121 8.15 3.88 -21.75
C SER D 121 9.39 3.71 -22.64
N GLN D 122 10.57 3.96 -22.10
CA GLN D 122 11.78 4.04 -22.90
C GLN D 122 12.62 2.80 -22.71
N THR D 123 13.18 2.32 -23.81
CA THR D 123 14.33 1.42 -23.76
C THR D 123 15.56 2.22 -23.34
N ALA D 124 16.59 1.49 -22.93
CA ALA D 124 17.84 2.17 -22.56
C ALA D 124 18.33 3.03 -23.71
N ALA D 125 18.34 2.47 -24.92
CA ALA D 125 18.83 3.21 -26.08
C ALA D 125 18.03 4.48 -26.29
N GLN D 126 16.71 4.40 -26.17
CA GLN D 126 15.87 5.58 -26.30
C GLN D 126 16.17 6.60 -25.20
N ALA D 127 16.24 6.14 -23.96
CA ALA D 127 16.58 7.03 -22.86
C ALA D 127 17.93 7.65 -23.10
N ARG D 128 18.88 6.85 -23.59
CA ARG D 128 20.21 7.38 -23.87
C ARG D 128 20.13 8.47 -24.94
N ASP D 129 19.58 8.14 -26.10
CA ASP D 129 19.56 9.13 -27.20
C ASP D 129 18.82 10.40 -26.80
N GLN D 130 17.68 10.28 -26.09
CA GLN D 130 16.91 11.49 -25.78
C GLN D 130 17.59 12.28 -24.68
N THR D 131 18.13 11.58 -23.67
CA THR D 131 18.78 12.33 -22.60
C THR D 131 20.09 12.91 -23.06
N ALA D 132 20.82 12.21 -23.96
CA ALA D 132 22.04 12.79 -24.50
C ALA D 132 21.72 14.09 -25.25
N ALA D 133 20.70 14.07 -26.11
CA ALA D 133 20.31 15.27 -26.85
C ALA D 133 19.88 16.38 -25.91
N LEU D 134 19.10 16.04 -24.88
CA LEU D 134 18.72 17.06 -23.90
C LEU D 134 19.93 17.73 -23.28
N LEU D 135 20.88 16.93 -22.80
CA LEU D 135 22.05 17.51 -22.14
C LEU D 135 22.83 18.37 -23.11
N ASN D 136 22.97 17.87 -24.35
CA ASN D 136 23.74 18.61 -25.33
C ASN D 136 23.08 19.96 -25.58
N SER D 137 21.76 19.94 -25.81
CA SER D 137 21.03 21.17 -26.04
C SER D 137 21.15 22.19 -24.89
N ALA D 138 21.30 21.73 -23.65
CA ALA D 138 21.44 22.61 -22.47
C ALA D 138 22.91 22.99 -22.16
N GLY D 139 23.84 22.78 -23.11
CA GLY D 139 25.22 23.17 -22.84
C GLY D 139 26.02 22.16 -22.03
N LEU D 140 25.48 20.96 -21.79
CA LEU D 140 26.09 19.97 -20.90
C LEU D 140 26.49 18.73 -21.67
N GLY D 141 26.80 18.93 -22.94
CA GLY D 141 27.32 17.88 -23.82
C GLY D 141 28.53 17.18 -23.23
N ALA D 142 29.29 17.89 -22.39
CA ALA D 142 30.49 17.31 -21.79
C ALA D 142 30.17 16.30 -20.69
N ALA D 143 28.90 16.20 -20.28
CA ALA D 143 28.51 15.29 -19.21
C ALA D 143 28.66 13.86 -19.71
N ASP D 144 29.18 12.99 -18.84
N ASP D 144 29.15 12.99 -18.83
CA ASP D 144 29.16 11.57 -19.13
CA ASP D 144 29.17 11.56 -19.12
C ASP D 144 27.86 10.97 -18.63
C ASP D 144 27.87 10.95 -18.61
N LEU D 145 27.14 10.28 -19.52
CA LEU D 145 25.80 9.82 -19.27
C LEU D 145 25.82 8.31 -19.05
N PHE D 146 25.16 7.88 -17.98
CA PHE D 146 25.02 6.48 -17.59
C PHE D 146 23.54 6.19 -17.60
N VAL D 147 23.14 5.15 -18.34
CA VAL D 147 21.74 4.74 -18.41
C VAL D 147 21.65 3.37 -17.76
N LEU D 148 21.11 3.33 -16.55
CA LEU D 148 21.00 2.11 -15.76
C LEU D 148 19.72 1.38 -16.16
N PRO D 149 19.81 0.22 -16.82
CA PRO D 149 18.61 -0.56 -17.14
C PRO D 149 17.78 -0.83 -15.89
N ALA D 150 16.54 -1.26 -16.12
CA ALA D 150 15.66 -1.64 -15.01
C ALA D 150 16.26 -2.75 -14.14
N ASN D 151 17.28 -3.47 -14.63
CA ASN D 151 17.80 -4.64 -13.92
C ASN D 151 18.72 -4.29 -12.75
N CYS D 152 19.60 -3.29 -12.91
CA CYS D 152 20.55 -2.95 -11.84
C CYS D 152 19.81 -2.49 -10.59
N ASP D 156 23.00 -8.20 -7.91
CA ASP D 156 23.33 -8.66 -9.24
C ASP D 156 24.15 -7.62 -10.03
N GLY D 157 23.72 -6.35 -9.98
CA GLY D 157 24.39 -5.25 -10.66
C GLY D 157 24.13 -5.24 -12.16
N CYS D 158 24.96 -4.45 -12.87
CA CYS D 158 24.93 -4.41 -14.33
C CYS D 158 26.15 -3.66 -14.85
N GLU D 159 26.38 -3.79 -16.17
CA GLU D 159 27.61 -3.24 -16.73
C GLU D 159 27.63 -1.72 -16.66
N GLU D 160 26.48 -1.04 -16.85
CA GLU D 160 26.50 0.41 -16.76
C GLU D 160 26.81 0.87 -15.33
N LEU D 161 26.30 0.15 -14.32
CA LEU D 161 26.55 0.59 -12.95
C LEU D 161 28.02 0.41 -12.60
N GLU D 162 28.67 -0.64 -13.10
CA GLU D 162 30.10 -0.76 -12.83
C GLU D 162 30.86 0.33 -13.59
N ARG D 163 30.41 0.69 -14.79
CA ARG D 163 31.06 1.80 -15.49
C ARG D 163 30.94 3.09 -14.71
N LEU D 164 29.77 3.33 -14.09
CA LEU D 164 29.59 4.50 -13.23
C LEU D 164 30.52 4.41 -12.02
N ARG D 165 30.55 3.24 -11.38
CA ARG D 165 31.40 3.09 -10.21
C ARG D 165 32.86 3.36 -10.60
N ALA D 166 33.29 2.82 -11.74
CA ALA D 166 34.67 2.98 -12.18
C ALA D 166 34.96 4.43 -12.52
N ALA D 167 33.98 5.16 -13.08
CA ALA D 167 34.23 6.54 -13.44
C ALA D 167 34.46 7.37 -12.18
N LEU D 168 33.57 7.22 -11.20
CA LEU D 168 33.71 7.89 -9.91
C LEU D 168 35.06 7.59 -9.26
N GLN D 169 35.43 6.32 -9.24
CA GLN D 169 36.70 5.94 -8.61
C GLN D 169 37.88 6.57 -9.33
N SER D 170 37.87 6.53 -10.67
CA SER D 170 39.04 7.07 -11.36
C SER D 170 39.07 8.59 -11.24
N GLN D 171 37.88 9.25 -11.32
CA GLN D 171 37.90 10.71 -11.10
C GLN D 171 38.38 11.00 -9.69
N ALA D 172 37.96 10.18 -8.73
CA ALA D 172 38.36 10.42 -7.34
C ALA D 172 39.88 10.23 -7.14
N GLU D 173 40.47 9.17 -7.72
CA GLU D 173 41.88 8.93 -7.47
C GLU D 173 42.73 10.10 -7.98
N ALA D 174 42.28 10.75 -9.06
CA ALA D 174 43.01 11.91 -9.59
C ALA D 174 42.78 13.13 -8.69
N LEU D 175 41.52 13.42 -8.40
CA LEU D 175 41.21 14.58 -7.57
C LEU D 175 41.85 14.47 -6.18
N ARG D 176 41.96 13.26 -5.62
CA ARG D 176 42.55 13.12 -4.27
C ARG D 176 43.96 13.68 -4.25
N ARG D 177 44.67 13.66 -5.37
CA ARG D 177 46.04 14.12 -5.27
C ARG D 177 46.13 15.63 -5.45
N LEU D 178 45.03 16.32 -5.70
CA LEU D 178 45.04 17.78 -5.72
C LEU D 178 44.26 18.41 -4.57
N LEU D 179 43.52 17.61 -3.80
CA LEU D 179 42.68 18.13 -2.76
C LEU D 179 43.24 17.75 -1.39
N PRO D 180 42.95 18.53 -0.36
CA PRO D 180 43.48 18.26 1.00
C PRO D 180 42.71 17.15 1.71
N PRO D 181 43.30 16.56 2.73
CA PRO D 181 42.53 15.63 3.58
C PRO D 181 41.43 16.38 4.29
N ALA D 182 40.35 15.67 4.57
CA ALA D 182 39.24 16.24 5.33
C ALA D 182 39.67 16.89 6.64
N GLN D 183 40.71 16.36 7.31
CA GLN D 183 41.11 16.88 8.62
C GLN D 183 42.01 18.10 8.52
N ASP D 184 42.42 18.45 7.31
CA ASP D 184 43.07 19.72 7.01
C ASP D 184 42.34 20.90 7.64
N GLY D 185 43.08 21.70 8.42
CA GLY D 185 42.53 22.87 9.06
C GLY D 185 41.80 22.62 10.38
N PHE D 186 41.68 21.37 10.79
CA PHE D 186 41.17 21.03 12.12
C PHE D 186 42.34 20.83 13.06
N GLU D 187 42.21 21.35 14.28
CA GLU D 187 43.11 21.02 15.37
C GLU D 187 42.68 19.66 15.91
N VAL D 188 43.41 18.60 15.52
CA VAL D 188 43.05 17.22 15.88
C VAL D 188 43.67 16.89 17.23
N LEU D 189 42.81 16.63 18.24
CA LEU D 189 43.25 16.29 19.58
C LEU D 189 43.42 14.79 19.77
N GLY D 190 44.41 14.41 20.55
CA GLY D 190 44.74 13.01 20.74
C GLY D 190 45.04 12.25 19.44
#